data_3LEZ
#
_entry.id   3LEZ
#
_cell.length_a   55.980
_cell.length_b   55.980
_cell.length_c   165.890
_cell.angle_alpha   90.00
_cell.angle_beta   90.00
_cell.angle_gamma   120.00
#
_symmetry.space_group_name_H-M   'P 31 2 1'
#
loop_
_entity.id
_entity.type
_entity.pdbx_description
1 polymer Beta-lactamase
2 non-polymer 'CALCIUM ION'
3 non-polymer 'CHLORIDE ION'
4 non-polymer '4-(2-HYDROXYETHYL)-1-PIPERAZINE ETHANESULFONIC ACID'
5 water water
#
_entity_poly.entity_id   1
_entity_poly.type   'polypeptide(L)'
_entity_poly.pdbx_seq_one_letter_code
;GSEDLKKLEEEFDVRLGVYAIDTGADKEISYRENERFAYTSTFKPLAVGAVLQTKSDEELEETITYSEEDLVTYSPITEQ
HVDEGMTLVEIADAAIRYSDNTAGNLLLEAMGGPDELETILRDIGDETIEMDRYETELNEAKPGDIRDTSTAKAMATTLQ
QYVLEDVLDADRREVLTNMLINNTTGDALIRAGVPDGWTVGDKTGAGGYGTRNDIGIIWPEGDEEPIVIAIMSSRDEEDA
DYDDKLIEKATEIVLQELRN
;
_entity_poly.pdbx_strand_id   A
#
# COMPACT_ATOMS: atom_id res chain seq x y z
N GLY A 1 0.44 -12.43 -19.05
CA GLY A 1 -0.20 -11.13 -19.30
C GLY A 1 0.60 -10.25 -20.25
N SER A 2 0.47 -8.91 -20.12
CA SER A 2 1.08 -7.91 -21.05
C SER A 2 2.56 -8.02 -21.48
N GLU A 3 2.84 -7.76 -22.75
CA GLU A 3 4.09 -8.21 -23.35
C GLU A 3 5.25 -7.23 -23.13
N ASP A 4 4.95 -5.94 -23.12
CA ASP A 4 5.96 -4.95 -22.82
C ASP A 4 6.34 -5.05 -21.36
N LEU A 5 5.40 -5.52 -20.54
CA LEU A 5 5.68 -5.74 -19.13
C LEU A 5 6.68 -6.89 -18.97
N LYS A 6 6.55 -7.91 -19.80
CA LYS A 6 7.50 -9.03 -19.77
C LYS A 6 8.92 -8.54 -20.07
N LYS A 7 9.04 -7.62 -21.03
CA LYS A 7 10.34 -7.08 -21.40
C LYS A 7 11.01 -6.39 -20.21
N LEU A 8 10.20 -5.72 -19.38
CA LEU A 8 10.72 -4.99 -18.21
C LEU A 8 11.45 -5.92 -17.26
N GLU A 9 10.95 -7.14 -17.10
CA GLU A 9 11.58 -8.13 -16.23
C GLU A 9 13.02 -8.41 -16.58
N GLU A 10 13.28 -8.59 -17.87
CA GLU A 10 14.64 -8.83 -18.35
C GLU A 10 15.48 -7.56 -18.24
N GLU A 11 14.90 -6.42 -18.60
CA GLU A 11 15.62 -5.16 -18.55
C GLU A 11 16.13 -4.88 -17.13
N PHE A 12 15.31 -5.22 -16.13
CA PHE A 12 15.62 -4.88 -14.76
C PHE A 12 16.00 -6.07 -13.88
N ASP A 13 16.03 -7.26 -14.48
CA ASP A 13 16.40 -8.48 -13.77
C ASP A 13 15.54 -8.67 -12.53
N VAL A 14 14.23 -8.61 -12.72
CA VAL A 14 13.29 -8.73 -11.63
C VAL A 14 12.18 -9.72 -11.95
N ARG A 15 11.43 -10.07 -10.90
CA ARG A 15 10.13 -10.67 -11.04
C ARG A 15 9.13 -9.52 -10.79
N LEU A 16 8.19 -9.35 -11.72
CA LEU A 16 7.29 -8.20 -11.73
C LEU A 16 5.83 -8.65 -11.68
N GLY A 17 5.05 -8.06 -10.78
CA GLY A 17 3.62 -8.29 -10.70
C GLY A 17 2.87 -6.99 -10.89
N VAL A 18 1.89 -7.00 -11.78
CA VAL A 18 1.12 -5.79 -12.06
C VAL A 18 -0.38 -6.10 -12.14
N TYR A 19 -1.19 -5.26 -11.53
CA TYR A 19 -2.63 -5.31 -11.71
C TYR A 19 -3.17 -3.89 -11.77
N ALA A 20 -3.92 -3.58 -12.81
CA ALA A 20 -4.51 -2.25 -12.92
C ALA A 20 -5.87 -2.36 -13.58
N ILE A 21 -6.87 -1.73 -12.98
CA ILE A 21 -8.20 -1.75 -13.54
C ILE A 21 -8.73 -0.35 -13.68
N ASP A 22 -9.18 -0.02 -14.88
CA ASP A 22 -9.75 1.27 -15.19
C ASP A 22 -11.25 1.17 -14.96
N THR A 23 -11.74 1.84 -13.93
CA THR A 23 -13.14 1.69 -13.54
C THR A 23 -14.09 2.37 -14.52
N GLY A 24 -13.57 3.27 -15.34
CA GLY A 24 -14.38 3.98 -16.32
C GLY A 24 -14.44 3.25 -17.64
N ALA A 25 -13.29 2.75 -18.09
CA ALA A 25 -13.18 2.04 -19.36
C ALA A 25 -13.54 0.56 -19.22
N ASP A 26 -13.67 0.10 -17.98
CA ASP A 26 -14.03 -1.29 -17.72
C ASP A 26 -13.06 -2.25 -18.38
N LYS A 27 -11.77 -2.03 -18.09
CA LYS A 27 -10.69 -2.75 -18.74
C LYS A 27 -9.61 -2.93 -17.68
N GLU A 28 -8.93 -4.08 -17.69
CA GLU A 28 -7.77 -4.24 -16.81
C GLU A 28 -6.59 -4.83 -17.55
N ILE A 29 -5.42 -4.54 -16.99
CA ILE A 29 -4.17 -5.10 -17.46
C ILE A 29 -3.52 -5.82 -16.30
N SER A 30 -2.97 -6.98 -16.58
CA SER A 30 -2.31 -7.70 -15.56
C SER A 30 -1.12 -8.54 -16.02
N TYR A 31 -0.21 -8.76 -15.11
CA TYR A 31 1.00 -9.52 -15.38
C TYR A 31 1.45 -10.18 -14.08
N ARG A 32 1.50 -11.50 -14.03
CA ARG A 32 1.84 -12.23 -12.81
C ARG A 32 1.02 -11.71 -11.63
N GLU A 33 -0.26 -11.44 -11.87
CA GLU A 33 -1.07 -10.72 -10.88
C GLU A 33 -1.45 -11.57 -9.67
N ASN A 34 -1.24 -12.88 -9.77
CA ASN A 34 -1.52 -13.79 -8.66
C ASN A 34 -0.27 -14.37 -8.00
N GLU A 35 0.90 -13.86 -8.36
CA GLU A 35 2.13 -14.32 -7.72
C GLU A 35 2.39 -13.53 -6.44
N ARG A 36 2.91 -14.20 -5.42
CA ARG A 36 3.15 -13.56 -4.14
C ARG A 36 4.42 -12.71 -4.11
N PHE A 37 4.29 -11.56 -3.46
CA PHE A 37 5.41 -10.68 -3.14
C PHE A 37 5.22 -10.22 -1.70
N ALA A 38 6.31 -9.90 -1.01
CA ALA A 38 6.20 -9.24 0.28
C ALA A 38 5.56 -7.86 0.06
N TYR A 39 4.52 -7.52 0.80
CA TYR A 39 3.88 -6.22 0.61
C TYR A 39 4.70 -5.05 1.18
N THR A 40 5.54 -5.33 2.18
CA THR A 40 6.34 -4.30 2.86
C THR A 40 5.43 -3.13 3.24
N SER A 41 5.87 -1.89 3.05
CA SER A 41 5.10 -0.77 3.59
C SER A 41 3.76 -0.52 2.92
N THR A 42 3.49 -1.21 1.80
CA THR A 42 2.20 -1.04 1.16
C THR A 42 1.01 -1.54 2.00
N PHE A 43 1.27 -2.32 3.06
CA PHE A 43 0.15 -2.69 3.93
C PHE A 43 -0.41 -1.48 4.66
N LYS A 44 0.39 -0.41 4.81
CA LYS A 44 0.01 0.66 5.72
C LYS A 44 -1.37 1.29 5.43
N PRO A 45 -1.66 1.61 4.15
CA PRO A 45 -3.01 2.18 3.90
C PRO A 45 -4.14 1.15 4.12
N LEU A 46 -3.85 -0.14 4.01
CA LEU A 46 -4.87 -1.15 4.32
C LEU A 46 -5.13 -1.20 5.81
N ALA A 47 -4.08 -1.08 6.63
CA ALA A 47 -4.25 -0.98 8.07
C ALA A 47 -5.02 0.29 8.46
N VAL A 48 -4.70 1.41 7.79
CA VAL A 48 -5.45 2.64 8.01
C VAL A 48 -6.92 2.48 7.62
N GLY A 49 -7.16 1.87 6.47
CA GLY A 49 -8.52 1.54 6.06
C GLY A 49 -9.26 0.78 7.14
N ALA A 50 -8.63 -0.27 7.65
CA ALA A 50 -9.26 -1.12 8.65
C ALA A 50 -9.55 -0.34 9.93
N VAL A 51 -8.65 0.55 10.30
CA VAL A 51 -8.86 1.44 11.43
C VAL A 51 -10.06 2.36 11.20
N LEU A 52 -10.12 2.99 10.04
CA LEU A 52 -11.22 3.88 9.71
C LEU A 52 -12.54 3.13 9.53
N GLN A 53 -12.46 1.83 9.24
CA GLN A 53 -13.64 0.98 9.12
C GLN A 53 -14.22 0.59 10.48
N THR A 54 -13.33 0.29 11.43
CA THR A 54 -13.74 -0.41 12.66
C THR A 54 -13.75 0.41 13.94
N LYS A 55 -13.08 1.55 13.95
CA LYS A 55 -12.98 2.36 15.17
C LYS A 55 -14.05 3.44 15.25
N SER A 56 -14.48 3.76 16.48
CA SER A 56 -15.37 4.89 16.71
C SER A 56 -14.62 6.21 16.58
N ASP A 57 -15.35 7.32 16.45
CA ASP A 57 -14.75 8.65 16.46
C ASP A 57 -13.87 8.88 17.68
N GLU A 58 -14.31 8.56 18.90
CA GLU A 58 -13.57 8.67 20.08
C GLU A 58 -12.24 7.88 20.00
N GLU A 59 -12.36 6.65 19.51
CA GLU A 59 -11.17 5.82 19.37
C GLU A 59 -10.15 6.46 18.42
N LEU A 60 -10.63 7.16 17.39
CA LEU A 60 -9.75 7.83 16.44
C LEU A 60 -9.07 9.07 17.02
N GLU A 61 -9.70 9.64 18.04
CA GLU A 61 -9.18 10.85 18.68
C GLU A 61 -8.41 10.51 19.96
N GLU A 62 -8.49 9.26 20.38
CA GLU A 62 -7.79 8.79 21.56
C GLU A 62 -6.28 8.98 21.41
N THR A 63 -5.61 9.36 22.49
CA THR A 63 -4.16 9.47 22.48
C THR A 63 -3.51 8.12 22.71
N ILE A 64 -2.62 7.66 21.86
CA ILE A 64 -1.90 6.47 21.92
CA ILE A 64 -1.91 6.47 21.95
C ILE A 64 -0.51 6.74 22.42
N THR A 65 -0.10 6.18 23.54
CA THR A 65 1.22 6.41 24.08
C THR A 65 2.11 5.22 23.84
N TYR A 66 3.40 5.46 23.75
CA TYR A 66 4.40 4.46 23.47
C TYR A 66 5.74 4.88 24.03
N SER A 67 6.70 3.98 24.11
CA SER A 67 7.98 4.31 24.73
C SER A 67 9.11 4.40 23.71
N GLU A 68 10.24 4.95 24.14
CA GLU A 68 11.44 5.01 23.31
C GLU A 68 11.81 3.61 22.85
N GLU A 69 11.65 2.64 23.73
CA GLU A 69 11.98 1.25 23.43
C GLU A 69 11.11 0.66 22.33
N ASP A 70 9.93 1.25 22.12
CA ASP A 70 9.00 0.76 21.10
C ASP A 70 9.41 1.19 19.69
N LEU A 71 10.25 2.21 19.59
CA LEU A 71 10.62 2.75 18.29
C LEU A 71 11.46 1.75 17.49
N VAL A 72 11.03 1.45 16.28
CA VAL A 72 11.83 0.62 15.39
C VAL A 72 12.51 1.51 14.34
N THR A 73 13.40 0.92 13.54
CA THR A 73 14.14 1.64 12.51
CA THR A 73 14.15 1.71 12.58
C THR A 73 13.22 2.47 11.63
N TYR A 74 13.67 3.69 11.29
CA TYR A 74 12.96 4.62 10.41
C TYR A 74 11.56 5.02 10.91
N SER A 75 11.56 5.88 11.93
CA SER A 75 10.36 6.35 12.59
C SER A 75 10.46 7.87 12.78
N PRO A 76 10.56 8.61 11.67
CA PRO A 76 10.84 10.05 11.76
C PRO A 76 9.79 10.84 12.51
N ILE A 77 8.51 10.48 12.35
CA ILE A 77 7.43 11.21 12.98
C ILE A 77 7.19 10.74 14.40
N THR A 78 7.03 9.43 14.58
CA THR A 78 6.74 8.89 15.89
C THR A 78 7.88 9.14 16.89
N GLU A 79 9.11 9.22 16.40
CA GLU A 79 10.23 9.47 17.32
C GLU A 79 10.19 10.88 17.92
N GLN A 80 9.34 11.74 17.36
CA GLN A 80 9.18 13.10 17.89
C GLN A 80 8.17 13.20 19.03
N HIS A 81 7.40 12.14 19.26
CA HIS A 81 6.25 12.23 20.16
C HIS A 81 6.21 11.14 21.23
N VAL A 82 7.37 10.60 21.58
CA VAL A 82 7.44 9.59 22.64
C VAL A 82 6.80 10.07 23.94
N ASP A 83 7.04 11.32 24.31
CA ASP A 83 6.58 11.82 25.60
C ASP A 83 5.07 12.08 25.69
N GLU A 84 4.45 12.42 24.57
CA GLU A 84 3.06 12.88 24.61
C GLU A 84 2.08 12.02 23.84
N GLY A 85 2.58 11.08 23.04
CA GLY A 85 1.73 10.22 22.24
C GLY A 85 1.15 10.88 21.00
N MET A 86 0.33 10.13 20.27
CA MET A 86 -0.28 10.58 19.02
C MET A 86 -1.67 9.98 18.89
N THR A 87 -2.57 10.61 18.14
CA THR A 87 -3.87 10.00 17.85
C THR A 87 -3.72 8.98 16.72
N LEU A 88 -4.69 8.07 16.61
CA LEU A 88 -4.67 7.10 15.50
C LEU A 88 -4.68 7.77 14.13
N VAL A 89 -5.35 8.93 14.02
CA VAL A 89 -5.36 9.61 12.75
C VAL A 89 -3.98 10.20 12.44
N GLU A 90 -3.32 10.77 13.45
CA GLU A 90 -1.95 11.26 13.27
C GLU A 90 -1.00 10.11 12.96
N ILE A 91 -1.19 8.98 13.62
CA ILE A 91 -0.38 7.80 13.34
C ILE A 91 -0.61 7.32 11.90
N ALA A 92 -1.87 7.30 11.48
CA ALA A 92 -2.20 6.94 10.10
C ALA A 92 -1.48 7.84 9.10
N ASP A 93 -1.54 9.14 9.36
CA ASP A 93 -0.90 10.11 8.48
C ASP A 93 0.60 9.83 8.35
N ALA A 94 1.25 9.58 9.49
CA ALA A 94 2.69 9.32 9.49
C ALA A 94 3.02 8.04 8.73
N ALA A 95 2.20 7.00 8.95
CA ALA A 95 2.45 5.72 8.28
C ALA A 95 2.32 5.85 6.77
N ILE A 96 1.27 6.53 6.32
CA ILE A 96 1.05 6.61 4.88
CA ILE A 96 1.02 6.65 4.89
C ILE A 96 1.96 7.63 4.19
N ARG A 97 2.06 8.84 4.74
CA ARG A 97 2.75 9.91 4.01
CA ARG A 97 2.76 9.92 4.02
C ARG A 97 4.27 9.86 4.14
N TYR A 98 4.76 9.25 5.22
CA TYR A 98 6.19 9.20 5.47
C TYR A 98 6.74 7.78 5.61
N SER A 99 5.84 6.79 5.61
CA SER A 99 6.23 5.38 5.78
CA SER A 99 6.27 5.40 5.77
C SER A 99 6.90 5.15 7.13
N ASP A 100 6.44 5.86 8.14
CA ASP A 100 6.96 5.72 9.49
C ASP A 100 6.69 4.29 9.99
N ASN A 101 7.74 3.58 10.38
CA ASN A 101 7.61 2.16 10.72
C ASN A 101 6.96 1.89 12.06
N THR A 102 7.32 2.67 13.08
CA THR A 102 6.60 2.54 14.35
C THR A 102 5.12 2.87 14.19
N ALA A 103 4.81 3.86 13.35
CA ALA A 103 3.41 4.18 13.08
C ALA A 103 2.71 2.93 12.51
N GLY A 104 3.39 2.24 11.61
CA GLY A 104 2.85 0.99 11.09
C GLY A 104 2.54 -0.02 12.20
N ASN A 105 3.47 -0.16 13.14
CA ASN A 105 3.27 -1.07 14.26
C ASN A 105 2.13 -0.65 15.17
N LEU A 106 1.97 0.66 15.39
CA LEU A 106 0.88 1.13 16.22
C LEU A 106 -0.47 0.86 15.56
N LEU A 107 -0.53 0.96 14.24
CA LEU A 107 -1.75 0.58 13.53
C LEU A 107 -2.04 -0.92 13.66
N LEU A 108 -1.02 -1.73 13.47
CA LEU A 108 -1.19 -3.18 13.61
C LEU A 108 -1.69 -3.51 15.00
N GLU A 109 -1.08 -2.91 16.02
CA GLU A 109 -1.48 -3.19 17.39
CA GLU A 109 -1.47 -3.16 17.40
C GLU A 109 -2.92 -2.73 17.66
N ALA A 110 -3.29 -1.57 17.14
CA ALA A 110 -4.64 -1.06 17.32
C ALA A 110 -5.69 -1.99 16.75
N MET A 111 -5.31 -2.75 15.73
CA MET A 111 -6.21 -3.70 15.08
C MET A 111 -6.13 -5.10 15.68
N GLY A 112 -5.32 -5.29 16.71
CA GLY A 112 -5.24 -6.58 17.40
C GLY A 112 -4.09 -7.45 16.94
N GLY A 113 -3.19 -6.87 16.15
CA GLY A 113 -2.05 -7.59 15.61
C GLY A 113 -2.26 -8.04 14.19
N PRO A 114 -1.17 -8.44 13.50
CA PRO A 114 -1.24 -8.85 12.10
C PRO A 114 -2.33 -9.90 11.81
N ASP A 115 -2.42 -10.94 12.63
CA ASP A 115 -3.37 -12.00 12.36
C ASP A 115 -4.82 -11.51 12.45
N GLU A 116 -5.11 -10.62 13.40
CA GLU A 116 -6.45 -10.08 13.53
CA GLU A 116 -6.45 -10.08 13.52
C GLU A 116 -6.77 -9.13 12.37
N LEU A 117 -5.80 -8.31 11.97
CA LEU A 117 -6.02 -7.45 10.81
C LEU A 117 -6.31 -8.30 9.57
N GLU A 118 -5.56 -9.38 9.43
CA GLU A 118 -5.77 -10.31 8.34
C GLU A 118 -7.23 -10.79 8.30
N THR A 119 -7.78 -11.13 9.45
CA THR A 119 -9.16 -11.59 9.52
CA THR A 119 -9.17 -11.60 9.52
C THR A 119 -10.14 -10.50 9.09
N ILE A 120 -9.86 -9.26 9.45
CA ILE A 120 -10.72 -8.17 9.04
CA ILE A 120 -10.67 -8.12 9.04
C ILE A 120 -10.67 -7.98 7.52
N LEU A 121 -9.48 -8.11 6.94
CA LEU A 121 -9.38 -7.99 5.49
C LEU A 121 -10.07 -9.18 4.77
N ARG A 122 -9.98 -10.38 5.36
CA ARG A 122 -10.73 -11.53 4.84
C ARG A 122 -12.22 -11.17 4.71
N ASP A 123 -12.74 -10.50 5.72
CA ASP A 123 -14.17 -10.22 5.80
C ASP A 123 -14.63 -9.15 4.80
N ILE A 124 -13.70 -8.36 4.24
CA ILE A 124 -14.10 -7.46 3.15
CA ILE A 124 -14.05 -7.44 3.16
C ILE A 124 -13.70 -8.04 1.80
N GLY A 125 -13.32 -9.31 1.80
CA GLY A 125 -13.11 -10.04 0.56
C GLY A 125 -11.69 -10.31 0.14
N ASP A 126 -10.71 -9.97 0.96
CA ASP A 126 -9.33 -10.26 0.60
C ASP A 126 -8.97 -11.66 1.09
N GLU A 127 -8.98 -12.62 0.18
CA GLU A 127 -8.72 -14.01 0.52
CA GLU A 127 -8.71 -14.02 0.52
C GLU A 127 -7.24 -14.34 0.47
N THR A 128 -6.44 -13.36 0.02
CA THR A 128 -5.04 -13.58 -0.34
C THR A 128 -4.01 -13.12 0.69
N ILE A 129 -4.20 -11.92 1.23
CA ILE A 129 -3.16 -11.35 2.08
C ILE A 129 -2.88 -12.26 3.29
N GLU A 130 -1.59 -12.46 3.56
CA GLU A 130 -1.17 -13.27 4.70
CA GLU A 130 -1.15 -13.25 4.69
C GLU A 130 -0.26 -12.37 5.55
N MET A 131 -0.75 -11.98 6.73
CA MET A 131 -0.02 -11.05 7.60
C MET A 131 0.45 -11.78 8.84
N ASP A 132 1.69 -11.56 9.26
CA ASP A 132 2.20 -12.27 10.42
C ASP A 132 3.12 -11.51 11.36
N ARG A 133 3.93 -10.61 10.82
CA ARG A 133 4.97 -9.94 11.61
C ARG A 133 4.76 -8.44 11.68
N TYR A 134 5.49 -7.82 12.60
CA TYR A 134 5.52 -6.36 12.73
C TYR A 134 6.71 -5.79 11.98
N GLU A 135 6.77 -4.45 11.87
CA GLU A 135 7.97 -3.79 11.38
C GLU A 135 9.12 -4.00 12.38
N THR A 136 10.35 -4.20 11.92
CA THR A 136 10.71 -4.24 10.51
C THR A 136 10.91 -5.67 9.99
N GLU A 137 10.63 -6.67 10.83
CA GLU A 137 10.78 -8.06 10.43
C GLU A 137 9.92 -8.43 9.22
N LEU A 138 8.78 -7.77 9.06
CA LEU A 138 7.90 -8.09 7.95
C LEU A 138 8.50 -7.77 6.58
N ASN A 139 9.63 -7.05 6.57
CA ASN A 139 10.30 -6.72 5.31
C ASN A 139 11.25 -7.78 4.78
N GLU A 140 11.37 -8.91 5.46
CA GLU A 140 12.36 -9.91 5.09
C GLU A 140 12.26 -10.34 3.62
N ALA A 141 11.04 -10.67 3.18
CA ALA A 141 10.75 -10.97 1.78
C ALA A 141 11.50 -12.18 1.22
N LYS A 142 11.71 -13.20 2.06
CA LYS A 142 12.36 -14.40 1.58
C LYS A 142 11.49 -15.09 0.55
N PRO A 143 12.05 -15.41 -0.60
CA PRO A 143 11.26 -16.10 -1.63
C PRO A 143 10.67 -17.43 -1.14
N GLY A 144 9.40 -17.62 -1.48
CA GLY A 144 8.64 -18.80 -1.04
C GLY A 144 8.09 -18.80 0.37
N ASP A 145 8.46 -17.80 1.17
CA ASP A 145 7.96 -17.59 2.49
C ASP A 145 6.61 -16.83 2.39
N ILE A 146 5.53 -17.43 2.90
CA ILE A 146 4.22 -16.79 2.76
C ILE A 146 3.99 -15.60 3.72
N ARG A 147 4.80 -15.49 4.75
CA ARG A 147 4.56 -14.46 5.75
C ARG A 147 4.63 -13.05 5.18
N ASP A 148 3.61 -12.25 5.47
CA ASP A 148 3.61 -10.83 5.09
C ASP A 148 3.66 -10.65 3.58
N THR A 149 2.86 -11.46 2.89
CA THR A 149 2.77 -11.40 1.44
C THR A 149 1.35 -11.18 0.95
N SER A 150 1.27 -10.68 -0.28
CA SER A 150 0.02 -10.69 -1.02
C SER A 150 0.36 -10.73 -2.50
N THR A 151 -0.61 -10.38 -3.35
CA THR A 151 -0.40 -10.35 -4.78
C THR A 151 -0.78 -8.98 -5.30
N ALA A 152 -0.33 -8.65 -6.50
CA ALA A 152 -0.70 -7.35 -7.07
C ALA A 152 -2.22 -7.22 -7.20
N LYS A 153 -2.91 -8.28 -7.64
CA LYS A 153 -4.36 -8.18 -7.78
C LYS A 153 -5.04 -7.95 -6.43
N ALA A 154 -4.63 -8.68 -5.40
CA ALA A 154 -5.27 -8.54 -4.10
C ALA A 154 -5.00 -7.18 -3.47
N MET A 155 -3.76 -6.69 -3.58
CA MET A 155 -3.44 -5.38 -3.03
C MET A 155 -4.26 -4.28 -3.71
N ALA A 156 -4.35 -4.36 -5.04
CA ALA A 156 -5.12 -3.37 -5.80
C ALA A 156 -6.60 -3.43 -5.39
N THR A 157 -7.14 -4.64 -5.32
CA THR A 157 -8.56 -4.84 -5.05
CA THR A 157 -8.57 -4.74 -5.08
C THR A 157 -8.94 -4.37 -3.64
N THR A 158 -8.09 -4.69 -2.67
CA THR A 158 -8.38 -4.28 -1.31
C THR A 158 -8.26 -2.75 -1.15
N LEU A 159 -7.25 -2.15 -1.77
CA LEU A 159 -7.15 -0.69 -1.77
C LEU A 159 -8.40 -0.07 -2.38
N GLN A 160 -8.84 -0.65 -3.49
CA GLN A 160 -10.06 -0.20 -4.15
C GLN A 160 -11.26 -0.23 -3.22
N GLN A 161 -11.39 -1.28 -2.42
CA GLN A 161 -12.52 -1.39 -1.50
CA GLN A 161 -12.54 -1.38 -1.51
C GLN A 161 -12.55 -0.20 -0.54
N TYR A 162 -11.39 0.13 0.01
CA TYR A 162 -11.32 1.22 0.98
C TYR A 162 -11.42 2.61 0.37
N VAL A 163 -10.79 2.81 -0.78
CA VAL A 163 -10.69 4.16 -1.33
C VAL A 163 -11.87 4.51 -2.23
N LEU A 164 -12.39 3.52 -2.97
CA LEU A 164 -13.42 3.80 -3.98
C LEU A 164 -14.79 3.22 -3.68
N GLU A 165 -14.84 2.13 -2.93
CA GLU A 165 -16.12 1.48 -2.63
C GLU A 165 -16.67 2.00 -1.30
N ASP A 166 -17.58 1.28 -0.68
CA ASP A 166 -18.32 1.81 0.45
CA ASP A 166 -18.32 1.83 0.46
C ASP A 166 -17.97 1.19 1.79
N VAL A 167 -16.76 0.65 1.92
CA VAL A 167 -16.34 0.10 3.20
C VAL A 167 -16.26 1.20 4.26
N LEU A 168 -15.81 2.39 3.87
CA LEU A 168 -15.66 3.52 4.79
C LEU A 168 -16.76 4.54 4.61
N ASP A 169 -17.16 5.18 5.71
CA ASP A 169 -18.03 6.34 5.62
C ASP A 169 -17.35 7.38 4.73
N ALA A 170 -18.15 8.12 3.98
CA ALA A 170 -17.60 9.09 3.02
C ALA A 170 -16.58 10.06 3.63
N ASP A 171 -16.85 10.54 4.85
CA ASP A 171 -15.91 11.47 5.47
C ASP A 171 -14.55 10.83 5.72
N ARG A 172 -14.55 9.60 6.22
CA ARG A 172 -13.31 8.89 6.50
C ARG A 172 -12.62 8.45 5.22
N ARG A 173 -13.42 8.11 4.21
CA ARG A 173 -12.89 7.77 2.89
CA ARG A 173 -12.88 7.75 2.90
C ARG A 173 -12.06 8.93 2.34
N GLU A 174 -12.57 10.15 2.52
CA GLU A 174 -11.88 11.34 2.06
CA GLU A 174 -11.87 11.34 2.04
CA GLU A 174 -11.87 11.34 2.05
C GLU A 174 -10.56 11.54 2.81
N VAL A 175 -10.58 11.31 4.11
CA VAL A 175 -9.36 11.39 4.92
C VAL A 175 -8.28 10.43 4.39
N LEU A 176 -8.64 9.18 4.15
CA LEU A 176 -7.68 8.22 3.62
C LEU A 176 -7.20 8.64 2.23
N THR A 177 -8.14 9.03 1.38
CA THR A 177 -7.82 9.44 0.02
C THR A 177 -6.79 10.58 0.01
N ASN A 178 -7.01 11.58 0.86
CA ASN A 178 -6.09 12.71 0.92
C ASN A 178 -4.71 12.35 1.48
N MET A 179 -4.65 11.43 2.42
CA MET A 179 -3.33 10.95 2.88
C MET A 179 -2.56 10.35 1.73
N LEU A 180 -3.22 9.52 0.92
CA LEU A 180 -2.57 8.90 -0.22
C LEU A 180 -2.16 9.94 -1.27
N ILE A 181 -3.04 10.90 -1.55
CA ILE A 181 -2.71 11.92 -2.52
C ILE A 181 -1.50 12.74 -2.06
N ASN A 182 -1.37 12.93 -0.76
CA ASN A 182 -0.30 13.74 -0.19
C ASN A 182 0.91 12.92 0.27
N ASN A 183 1.01 11.68 -0.19
CA ASN A 183 2.21 10.88 0.10
C ASN A 183 3.46 11.63 -0.36
N THR A 184 4.54 11.53 0.42
CA THR A 184 5.78 12.22 0.08
C THR A 184 6.86 11.29 -0.52
N THR A 185 6.64 9.99 -0.55
CA THR A 185 7.70 9.05 -0.89
C THR A 185 7.66 8.48 -2.31
N GLY A 186 6.66 8.86 -3.10
CA GLY A 186 6.42 8.18 -4.35
C GLY A 186 6.68 8.95 -5.64
N ASP A 187 7.41 10.06 -5.57
CA ASP A 187 7.55 10.90 -6.77
C ASP A 187 8.22 10.19 -7.95
N ALA A 188 9.08 9.21 -7.69
CA ALA A 188 9.81 8.53 -8.75
C ALA A 188 9.16 7.24 -9.24
N LEU A 189 7.97 6.93 -8.72
CA LEU A 189 7.34 5.63 -9.02
C LEU A 189 6.09 5.83 -9.88
N ILE A 190 4.91 5.40 -9.42
CA ILE A 190 3.71 5.58 -10.24
C ILE A 190 3.57 7.04 -10.71
N ARG A 191 3.79 7.98 -9.80
CA ARG A 191 3.68 9.40 -10.13
C ARG A 191 4.52 9.82 -11.33
N ALA A 192 5.69 9.21 -11.48
CA ALA A 192 6.59 9.58 -12.57
C ALA A 192 6.10 9.09 -13.94
N GLY A 193 5.16 8.13 -13.93
CA GLY A 193 4.66 7.55 -15.16
C GLY A 193 3.28 8.02 -15.60
N VAL A 194 2.74 9.01 -14.88
CA VAL A 194 1.42 9.54 -15.20
CA VAL A 194 1.41 9.55 -15.15
C VAL A 194 1.52 10.94 -15.78
N PRO A 195 0.67 11.25 -16.76
CA PRO A 195 0.74 12.58 -17.39
C PRO A 195 0.51 13.73 -16.42
N ASP A 196 1.05 14.89 -16.75
CA ASP A 196 0.84 16.10 -15.95
C ASP A 196 -0.65 16.38 -15.80
N GLY A 197 -1.05 16.87 -14.64
CA GLY A 197 -2.42 17.27 -14.41
C GLY A 197 -3.30 16.16 -13.86
N TRP A 198 -2.83 14.92 -13.94
CA TRP A 198 -3.55 13.79 -13.37
C TRP A 198 -3.24 13.69 -11.88
N THR A 199 -4.24 13.34 -11.09
CA THR A 199 -4.06 13.22 -9.65
C THR A 199 -3.75 11.77 -9.26
N VAL A 200 -2.78 11.58 -8.38
CA VAL A 200 -2.38 10.25 -7.93
C VAL A 200 -2.35 10.19 -6.42
N GLY A 201 -2.89 9.10 -5.87
CA GLY A 201 -2.67 8.76 -4.48
C GLY A 201 -1.88 7.46 -4.48
N ASP A 202 -0.88 7.33 -3.62
CA ASP A 202 -0.10 6.09 -3.64
C ASP A 202 0.55 5.80 -2.30
N LYS A 203 0.99 4.55 -2.16
CA LYS A 203 1.85 4.13 -1.07
C LYS A 203 2.93 3.21 -1.62
N THR A 204 4.17 3.56 -1.33
CA THR A 204 5.34 2.80 -1.76
C THR A 204 5.73 1.72 -0.75
N GLY A 205 6.58 0.82 -1.20
CA GLY A 205 7.22 -0.12 -0.29
C GLY A 205 8.59 -0.53 -0.81
N ALA A 206 9.45 -0.94 0.12
CA ALA A 206 10.78 -1.47 -0.18
C ALA A 206 11.11 -2.49 0.89
N GLY A 207 11.87 -3.52 0.53
CA GLY A 207 12.22 -4.52 1.50
C GLY A 207 13.31 -5.43 1.01
N GLY A 208 13.43 -6.58 1.67
CA GLY A 208 14.46 -7.55 1.34
C GLY A 208 14.36 -8.09 -0.07
N TYR A 209 15.44 -8.73 -0.52
CA TYR A 209 15.48 -9.34 -1.85
C TYR A 209 15.08 -8.35 -2.95
N GLY A 210 15.49 -7.10 -2.77
CA GLY A 210 15.25 -6.08 -3.78
C GLY A 210 13.79 -5.78 -4.04
N THR A 211 12.94 -6.00 -3.03
CA THR A 211 11.50 -5.77 -3.19
C THR A 211 11.21 -4.28 -3.33
N ARG A 212 10.40 -3.92 -4.31
CA ARG A 212 10.05 -2.53 -4.58
C ARG A 212 8.62 -2.49 -5.11
N ASN A 213 7.74 -1.84 -4.36
CA ASN A 213 6.30 -1.84 -4.66
C ASN A 213 5.73 -0.45 -4.68
N ASP A 214 4.63 -0.26 -5.39
CA ASP A 214 3.85 0.97 -5.28
C ASP A 214 2.41 0.61 -5.62
N ILE A 215 1.48 1.02 -4.76
CA ILE A 215 0.05 0.81 -5.02
C ILE A 215 -0.64 2.16 -4.97
N GLY A 216 -1.71 2.32 -5.73
CA GLY A 216 -2.36 3.62 -5.74
C GLY A 216 -3.59 3.70 -6.59
N ILE A 217 -4.06 4.94 -6.70
CA ILE A 217 -5.25 5.28 -7.46
CA ILE A 217 -5.24 5.29 -7.46
C ILE A 217 -4.87 6.48 -8.32
N ILE A 218 -5.26 6.43 -9.59
CA ILE A 218 -4.97 7.48 -10.55
C ILE A 218 -6.29 8.06 -11.06
N TRP A 219 -6.45 9.37 -10.92
CA TRP A 219 -7.64 10.05 -11.44
C TRP A 219 -7.22 10.87 -12.65
N PRO A 220 -7.57 10.40 -13.86
CA PRO A 220 -7.17 11.18 -15.05
C PRO A 220 -7.83 12.56 -15.03
N GLU A 221 -7.12 13.55 -15.54
CA GLU A 221 -7.62 14.91 -15.46
C GLU A 221 -8.97 15.03 -16.08
N GLY A 222 -9.85 15.78 -15.46
CA GLY A 222 -11.15 16.01 -16.03
C GLY A 222 -12.24 15.23 -15.40
N ASP A 223 -12.12 14.95 -14.13
CA ASP A 223 -13.12 14.12 -13.53
C ASP A 223 -13.34 12.78 -14.23
N GLU A 224 -12.34 12.16 -14.79
CA GLU A 224 -12.60 10.87 -15.35
C GLU A 224 -12.65 9.86 -14.20
N GLU A 225 -13.25 8.72 -14.42
CA GLU A 225 -13.30 7.68 -13.38
C GLU A 225 -11.88 7.11 -13.13
N PRO A 226 -11.62 6.69 -11.91
CA PRO A 226 -10.24 6.35 -11.54
C PRO A 226 -9.75 4.99 -12.03
N ILE A 227 -8.43 4.87 -12.04
CA ILE A 227 -7.73 3.63 -12.30
C ILE A 227 -7.09 3.18 -10.99
N VAL A 228 -7.29 1.92 -10.63
CA VAL A 228 -6.65 1.33 -9.47
C VAL A 228 -5.45 0.54 -9.95
N ILE A 229 -4.31 0.69 -9.27
CA ILE A 229 -3.08 0.09 -9.74
C ILE A 229 -2.20 -0.44 -8.61
N ALA A 230 -1.63 -1.63 -8.81
CA ALA A 230 -0.62 -2.17 -7.89
C ALA A 230 0.52 -2.73 -8.71
N ILE A 231 1.73 -2.32 -8.35
CA ILE A 231 2.93 -2.83 -8.97
C ILE A 231 3.81 -3.36 -7.86
N MET A 232 4.19 -4.63 -7.97
CA MET A 232 5.06 -5.27 -6.99
CA MET A 232 5.10 -5.30 -6.91
C MET A 232 6.24 -5.87 -7.71
N SER A 233 7.39 -5.93 -7.05
CA SER A 233 8.55 -6.52 -7.70
C SER A 233 9.55 -7.03 -6.69
N SER A 234 10.36 -7.99 -7.12
CA SER A 234 11.42 -8.52 -6.27
CA SER A 234 11.44 -8.50 -6.27
C SER A 234 12.52 -9.16 -7.11
N ARG A 235 13.63 -9.49 -6.47
CA ARG A 235 14.79 -10.04 -7.17
C ARG A 235 15.33 -11.30 -6.47
N ASP A 236 16.36 -11.90 -7.06
CA ASP A 236 16.87 -13.21 -6.62
C ASP A 236 17.77 -13.15 -5.39
N GLU A 237 18.53 -12.07 -5.26
CA GLU A 237 19.53 -11.98 -4.20
C GLU A 237 19.00 -11.24 -2.97
N GLU A 238 19.37 -11.77 -1.81
CA GLU A 238 18.98 -11.19 -0.52
C GLU A 238 19.23 -9.69 -0.42
N ASP A 239 20.43 -9.27 -0.79
CA ASP A 239 20.82 -7.86 -0.66
C ASP A 239 20.73 -7.10 -1.97
N ALA A 240 19.93 -7.60 -2.90
CA ALA A 240 19.78 -6.97 -4.21
C ALA A 240 19.22 -5.55 -4.11
N ASP A 241 19.63 -4.70 -5.05
CA ASP A 241 19.09 -3.36 -5.14
C ASP A 241 17.91 -3.32 -6.09
N TYR A 242 17.06 -2.31 -5.92
CA TYR A 242 15.98 -2.06 -6.86
C TYR A 242 16.27 -0.81 -7.67
N ASP A 243 15.46 -0.60 -8.71
CA ASP A 243 15.54 0.58 -9.55
C ASP A 243 14.13 1.16 -9.72
N ASP A 244 13.90 2.35 -9.18
CA ASP A 244 12.60 3.02 -9.26
C ASP A 244 12.09 3.13 -10.71
N LYS A 245 13.00 3.19 -11.69
CA LYS A 245 12.59 3.33 -13.08
C LYS A 245 11.70 2.18 -13.54
N LEU A 246 11.89 1.01 -12.94
CA LEU A 246 11.00 -0.13 -13.22
C LEU A 246 9.53 0.23 -13.02
N ILE A 247 9.24 0.91 -11.90
CA ILE A 247 7.87 1.21 -11.53
C ILE A 247 7.29 2.31 -12.41
N GLU A 248 8.09 3.33 -12.69
CA GLU A 248 7.69 4.38 -13.63
C GLU A 248 7.35 3.79 -15.00
N LYS A 249 8.24 2.94 -15.52
CA LYS A 249 8.03 2.34 -16.84
C LYS A 249 6.83 1.40 -16.88
N ALA A 250 6.62 0.64 -15.81
CA ALA A 250 5.46 -0.24 -15.77
C ALA A 250 4.18 0.59 -15.79
N THR A 251 4.18 1.71 -15.09
CA THR A 251 3.04 2.62 -15.08
C THR A 251 2.75 3.17 -16.48
N GLU A 252 3.79 3.59 -17.18
CA GLU A 252 3.64 4.08 -18.54
C GLU A 252 3.00 3.04 -19.45
N ILE A 253 3.48 1.80 -19.35
CA ILE A 253 2.94 0.71 -20.14
C ILE A 253 1.46 0.44 -19.80
N VAL A 254 1.13 0.45 -18.51
CA VAL A 254 -0.24 0.25 -18.09
C VAL A 254 -1.16 1.29 -18.73
N LEU A 255 -0.76 2.56 -18.64
CA LEU A 255 -1.60 3.63 -19.15
C LEU A 255 -1.72 3.60 -20.67
N GLN A 256 -0.65 3.19 -21.35
CA GLN A 256 -0.71 2.97 -22.79
C GLN A 256 -1.77 1.93 -23.13
N GLU A 257 -1.80 0.84 -22.37
CA GLU A 257 -2.76 -0.24 -22.60
C GLU A 257 -4.19 0.19 -22.26
N LEU A 258 -4.40 0.79 -21.12
CA LEU A 258 -5.72 1.10 -20.64
C LEU A 258 -6.36 2.24 -21.38
N ARG A 259 -5.53 3.20 -21.74
CA ARG A 259 -6.01 4.39 -22.34
C ARG A 259 -5.96 4.36 -23.82
N ASN A 260 -5.65 3.21 -24.39
CA ASN A 260 -5.68 3.10 -25.84
C ASN A 260 -6.45 1.94 -26.33
#